data_2H4I
#
_entry.id   2H4I
#
_cell.length_a   63.441
_cell.length_b   50.417
_cell.length_c   65.890
_cell.angle_alpha   90.00
_cell.angle_beta   107.84
_cell.angle_gamma   90.00
#
_symmetry.space_group_name_H-M   'P 1 21 1'
#
loop_
_entity.id
_entity.type
_entity.pdbx_description
1 polymer Lactotransferrin
2 branched beta-D-mannopyranose-(1-4)-[alpha-D-mannopyranose-(1-6)]alpha-D-mannopyranose-(1-4)-2-acetamido-2-deoxy-beta-D-glucopyranose-(1-4)-2-acetamido-2-deoxy-beta-D-glucopyranose
3 branched 2-acetamido-2-deoxy-beta-D-glucopyranose-(1-4)-2-acetamido-2-deoxy-beta-D-glucopyranose
4 branched beta-D-mannopyranose-(1-4)-alpha-D-mannopyranose-(1-4)-beta-D-mannopyranose-(1-4)-beta-D-mannopyranose-(1-4)-2-acetamido-2-deoxy-beta-D-glucopyranose-(1-4)-2-acetamido-2-deoxy-beta-D-glucopyranose
5 branched beta-D-galactopyranose-(1-4)-alpha-D-glucopyranose
6 non-polymer 'FE (III) ION'
7 non-polymer 'CARBONATE ION'
8 non-polymer 'ZINC ION'
9 non-polymer 'SULFATE ION'
10 water water
#
_entity_poly.entity_id   1
_entity_poly.type   'polypeptide(L)'
_entity_poly.pdbx_seq_one_letter_code
;YTRVVWCAVGPEEQKKCQQWSQQSGQNVTCATASTTDDCIVLVLKGEADALNLDGGYIYTAGKCGLVPVLAENRKSSKHS
SLDCVLRPTEGYLAVAVVKKANEGLTWNSLKDKKSCHTAVDRTAGWNIPMGLIVNQTGSCAFDEFFSQSCAPGADPKSRL
CALCAGDDQGLDKCVPNSKEKYYGYTGAFRCLAEDVGDVAFVKNDTVWENTNGESTADWAKNLKREDFRLLCLDGTRKPV
TEAQSCHLAVAPNHAVVSRSDRAAHVEQVLLHQQALFGKNGKNCPDKFCLFKSETKNLLFNDNTECLAKLGGRPTYEEYL
GTEYVTAIANLKKCSTSPLLEACAF
;
_entity_poly.pdbx_strand_id   A
#
loop_
_chem_comp.id
_chem_comp.type
_chem_comp.name
_chem_comp.formula
BMA D-saccharide, beta linking beta-D-mannopyranose 'C6 H12 O6'
CO3 non-polymer 'CARBONATE ION' 'C O3 -2'
FE non-polymer 'FE (III) ION' 'Fe 3'
GAL D-saccharide, beta linking beta-D-galactopyranose 'C6 H12 O6'
GLC D-saccharide, alpha linking alpha-D-glucopyranose 'C6 H12 O6'
MAN D-saccharide, alpha linking alpha-D-mannopyranose 'C6 H12 O6'
NAG D-saccharide, beta linking 2-acetamido-2-deoxy-beta-D-glucopyranose 'C8 H15 N O6'
SO4 non-polymer 'SULFATE ION' 'O4 S -2'
ZN non-polymer 'ZINC ION' 'Zn 2'
#
# COMPACT_ATOMS: atom_id res chain seq x y z
N TYR A 1 -19.16 -18.18 -16.62
CA TYR A 1 -18.64 -16.78 -16.37
C TYR A 1 -18.56 -16.43 -14.87
N THR A 2 -19.74 -16.20 -14.25
CA THR A 2 -19.98 -15.32 -13.07
C THR A 2 -19.24 -15.47 -11.69
N ARG A 3 -18.17 -16.29 -11.63
CA ARG A 3 -17.43 -16.56 -10.38
C ARG A 3 -16.01 -15.98 -10.47
N VAL A 4 -15.62 -15.18 -9.54
CA VAL A 4 -14.28 -14.58 -9.53
C VAL A 4 -13.31 -15.17 -8.48
N VAL A 5 -12.05 -15.34 -8.86
CA VAL A 5 -11.04 -15.87 -7.93
C VAL A 5 -10.09 -14.74 -7.52
N TRP A 6 -10.04 -14.47 -6.22
CA TRP A 6 -9.21 -13.43 -5.66
C TRP A 6 -7.88 -13.99 -5.19
N CYS A 7 -6.83 -13.20 -5.33
CA CYS A 7 -5.54 -13.68 -4.87
C CYS A 7 -5.13 -12.93 -3.61
N ALA A 8 -5.04 -13.69 -2.53
CA ALA A 8 -4.65 -13.15 -1.23
C ALA A 8 -3.16 -13.34 -1.03
N VAL A 9 -2.52 -12.35 -0.43
CA VAL A 9 -1.09 -12.42 -0.17
C VAL A 9 -0.88 -12.67 1.30
N GLY A 10 -0.46 -13.88 1.66
CA GLY A 10 -0.20 -14.20 3.05
C GLY A 10 -1.36 -14.86 3.77
N PRO A 11 -1.12 -15.47 4.95
CA PRO A 11 -2.11 -16.17 5.78
C PRO A 11 -3.30 -15.32 6.21
N GLU A 12 -3.01 -14.11 6.67
CA GLU A 12 -4.04 -13.21 7.15
C GLU A 12 -5.03 -12.78 6.09
N GLU A 13 -4.54 -12.45 4.89
CA GLU A 13 -5.43 -12.05 3.80
C GLU A 13 -6.23 -13.26 3.34
N GLN A 14 -5.63 -14.44 3.43
CA GLN A 14 -6.35 -15.66 3.06
C GLN A 14 -7.50 -15.88 4.03
N LYS A 15 -7.29 -15.58 5.30
CA LYS A 15 -8.36 -15.76 6.28
C LYS A 15 -9.52 -14.84 5.98
N LYS A 16 -9.23 -13.57 5.71
CA LYS A 16 -10.30 -12.62 5.40
C LYS A 16 -10.96 -13.02 4.08
N CYS A 17 -10.17 -13.57 3.17
CA CYS A 17 -10.69 -13.96 1.88
C CYS A 17 -11.68 -15.12 1.99
N GLN A 18 -11.34 -16.11 2.78
N GLN A 18 -11.33 -16.14 2.76
CA GLN A 18 -12.18 -17.27 2.97
CA GLN A 18 -12.21 -17.29 2.93
C GLN A 18 -13.52 -16.85 3.54
C GLN A 18 -13.54 -16.84 3.53
N GLN A 19 -13.50 -15.85 4.41
CA GLN A 19 -14.73 -15.36 5.03
C GLN A 19 -15.60 -14.68 3.97
N TRP A 20 -14.97 -13.84 3.14
CA TRP A 20 -15.67 -13.13 2.09
C TRP A 20 -16.25 -14.14 1.10
N SER A 21 -15.47 -15.17 0.79
CA SER A 21 -15.90 -16.22 -0.14
C SER A 21 -17.15 -16.92 0.36
N GLN A 22 -17.18 -17.18 1.66
CA GLN A 22 -18.30 -17.86 2.29
C GLN A 22 -19.59 -17.03 2.29
N GLN A 23 -19.45 -15.77 2.68
CA GLN A 23 -20.56 -14.83 2.75
C GLN A 23 -21.08 -14.49 1.36
N SER A 24 -20.26 -14.72 0.34
CA SER A 24 -20.65 -14.42 -1.03
C SER A 24 -21.33 -15.60 -1.70
N GLY A 25 -21.45 -16.71 -0.99
CA GLY A 25 -22.06 -17.89 -1.55
C GLY A 25 -21.28 -18.39 -2.76
N GLN A 26 -19.96 -18.28 -2.64
CA GLN A 26 -19.01 -18.69 -3.65
C GLN A 26 -18.96 -17.86 -4.91
N ASN A 27 -19.53 -16.67 -4.89
CA ASN A 27 -19.46 -15.86 -6.10
C ASN A 27 -18.00 -15.43 -6.18
N VAL A 28 -17.33 -15.43 -5.03
CA VAL A 28 -15.91 -15.11 -4.96
C VAL A 28 -15.20 -16.24 -4.23
N THR A 29 -14.14 -16.72 -4.86
CA THR A 29 -13.33 -17.82 -4.36
C THR A 29 -11.91 -17.28 -4.10
N CYS A 30 -11.08 -18.03 -3.40
CA CYS A 30 -9.73 -17.56 -3.08
C CYS A 30 -8.53 -18.42 -3.49
N ALA A 31 -7.44 -17.72 -3.78
CA ALA A 31 -6.16 -18.30 -4.17
C ALA A 31 -5.18 -17.58 -3.26
N THR A 32 -4.13 -18.28 -2.82
CA THR A 32 -3.16 -17.69 -1.92
C THR A 32 -1.72 -17.83 -2.41
N ALA A 33 -0.93 -16.79 -2.19
CA ALA A 33 0.49 -16.78 -2.58
C ALA A 33 1.26 -16.10 -1.46
N SER A 34 2.56 -16.35 -1.38
CA SER A 34 3.39 -15.74 -0.33
C SER A 34 3.74 -14.30 -0.61
N THR A 35 3.64 -13.90 -1.86
CA THR A 35 3.99 -12.53 -2.20
C THR A 35 3.11 -11.94 -3.29
N THR A 36 3.15 -10.61 -3.39
CA THR A 36 2.38 -9.90 -4.38
C THR A 36 2.81 -10.32 -5.78
N ASP A 37 4.12 -10.50 -5.97
CA ASP A 37 4.61 -10.93 -7.28
C ASP A 37 4.05 -12.28 -7.68
N ASP A 38 3.98 -13.21 -6.73
CA ASP A 38 3.44 -14.52 -7.05
C ASP A 38 1.97 -14.44 -7.36
N CYS A 39 1.26 -13.50 -6.74
CA CYS A 39 -0.16 -13.36 -7.04
C CYS A 39 -0.30 -12.88 -8.49
N ILE A 40 0.60 -12.00 -8.92
CA ILE A 40 0.58 -11.51 -10.28
C ILE A 40 0.76 -12.68 -11.23
N VAL A 41 1.71 -13.57 -10.90
CA VAL A 41 1.96 -14.73 -11.75
C VAL A 41 0.72 -15.61 -11.87
N LEU A 42 0.05 -15.87 -10.73
CA LEU A 42 -1.15 -16.69 -10.74
C LEU A 42 -2.23 -16.08 -11.63
N VAL A 43 -2.31 -14.75 -11.67
CA VAL A 43 -3.29 -14.09 -12.52
C VAL A 43 -2.87 -14.28 -13.99
N LEU A 44 -1.61 -14.05 -14.29
CA LEU A 44 -1.10 -14.23 -15.63
C LEU A 44 -1.46 -15.61 -16.19
N LYS A 45 -1.18 -16.63 -15.38
CA LYS A 45 -1.44 -18.02 -15.74
C LYS A 45 -2.93 -18.25 -15.86
N GLY A 46 -3.70 -17.35 -15.27
CA GLY A 46 -5.15 -17.50 -15.31
C GLY A 46 -5.66 -18.34 -14.15
N GLU A 47 -4.80 -18.62 -13.18
CA GLU A 47 -5.22 -19.41 -12.02
C GLU A 47 -5.95 -18.59 -10.97
N ALA A 48 -5.84 -17.26 -11.07
CA ALA A 48 -6.53 -16.33 -10.18
C ALA A 48 -7.05 -15.20 -11.08
N ASP A 49 -8.05 -14.46 -10.64
CA ASP A 49 -8.62 -13.38 -11.46
C ASP A 49 -8.15 -11.96 -11.16
N ALA A 50 -8.09 -11.60 -9.88
CA ALA A 50 -7.71 -10.25 -9.53
C ALA A 50 -7.22 -10.06 -8.11
N LEU A 51 -6.73 -8.86 -7.86
CA LEU A 51 -6.25 -8.45 -6.55
C LEU A 51 -6.06 -6.94 -6.63
N ASN A 52 -6.03 -6.31 -5.46
CA ASN A 52 -5.86 -4.86 -5.35
C ASN A 52 -4.34 -4.58 -5.19
N LEU A 53 -3.83 -3.57 -5.89
CA LEU A 53 -2.40 -3.28 -5.83
C LEU A 53 -1.97 -1.83 -5.65
N ASP A 54 -0.87 -1.66 -4.93
CA ASP A 54 -0.25 -0.37 -4.72
C ASP A 54 0.26 -0.02 -6.12
N GLY A 55 0.41 1.27 -6.40
CA GLY A 55 0.88 1.69 -7.70
C GLY A 55 2.20 1.06 -8.16
N GLY A 56 3.09 0.81 -7.22
CA GLY A 56 4.39 0.23 -7.54
C GLY A 56 4.23 -1.11 -8.24
N TYR A 57 3.26 -1.89 -7.78
CA TYR A 57 3.00 -3.19 -8.37
C TYR A 57 2.17 -3.08 -9.65
N ILE A 58 1.29 -2.10 -9.72
CA ILE A 58 0.46 -1.90 -10.92
C ILE A 58 1.39 -1.75 -12.11
N TYR A 59 2.52 -1.08 -11.87
CA TYR A 59 3.52 -0.84 -12.92
C TYR A 59 4.10 -2.18 -13.38
N THR A 60 4.53 -3.03 -12.45
CA THR A 60 5.07 -4.34 -12.78
C THR A 60 4.04 -5.13 -13.58
N ALA A 61 2.85 -5.28 -13.00
CA ALA A 61 1.75 -5.99 -13.64
C ALA A 61 1.43 -5.48 -15.04
N GLY A 62 1.45 -4.16 -15.21
CA GLY A 62 1.15 -3.54 -16.50
C GLY A 62 2.06 -3.96 -17.63
N LYS A 63 3.36 -4.07 -17.36
CA LYS A 63 4.30 -4.50 -18.38
C LYS A 63 4.00 -5.92 -18.79
N CYS A 64 3.23 -6.60 -17.95
CA CYS A 64 2.86 -7.97 -18.25
C CYS A 64 1.43 -8.07 -18.78
N GLY A 65 0.88 -6.94 -19.20
CA GLY A 65 -0.46 -6.95 -19.75
C GLY A 65 -1.66 -6.91 -18.84
N LEU A 66 -1.47 -6.84 -17.52
CA LEU A 66 -2.64 -6.77 -16.64
C LEU A 66 -3.17 -5.35 -16.69
N VAL A 67 -4.46 -5.16 -16.42
CA VAL A 67 -5.02 -3.82 -16.47
C VAL A 67 -5.79 -3.34 -15.25
N PRO A 68 -5.65 -2.05 -14.92
CA PRO A 68 -6.37 -1.50 -13.76
C PRO A 68 -7.86 -1.58 -14.09
N VAL A 69 -8.66 -2.01 -13.11
CA VAL A 69 -10.10 -2.20 -13.31
C VAL A 69 -10.98 -1.20 -12.55
N LEU A 70 -10.78 -1.16 -11.24
CA LEU A 70 -11.50 -0.26 -10.34
C LEU A 70 -10.46 0.20 -9.33
N ALA A 71 -10.57 1.43 -8.85
CA ALA A 71 -9.59 1.94 -7.88
C ALA A 71 -10.21 2.27 -6.52
N GLU A 72 -9.39 2.20 -5.46
CA GLU A 72 -9.86 2.53 -4.11
C GLU A 72 -10.19 4.01 -4.07
N ASN A 73 -11.20 4.36 -3.28
CA ASN A 73 -11.60 5.75 -3.15
C ASN A 73 -11.98 6.05 -1.72
N ARG A 74 -11.26 6.97 -1.10
N ARG A 74 -11.29 7.02 -1.15
CA ARG A 74 -11.57 7.36 0.28
CA ARG A 74 -11.55 7.42 0.21
C ARG A 74 -12.37 8.66 0.29
C ARG A 74 -12.37 8.71 0.27
N LYS A 75 -13.05 8.93 1.39
CA LYS A 75 -13.88 10.12 1.57
C LYS A 75 -13.19 11.47 1.29
N SER A 76 -13.90 12.36 0.60
CA SER A 76 -13.36 13.67 0.29
C SER A 76 -14.38 14.76 0.58
N SER A 77 -13.89 15.94 0.92
CA SER A 77 -14.76 17.08 1.20
C SER A 77 -15.19 17.66 -0.14
N LYS A 78 -14.20 18.03 -0.95
CA LYS A 78 -14.48 18.53 -2.28
C LYS A 78 -14.90 17.30 -3.09
N HIS A 79 -15.80 17.50 -4.03
CA HIS A 79 -16.33 16.39 -4.82
C HIS A 79 -17.21 15.57 -3.90
N SER A 80 -18.12 16.31 -3.28
CA SER A 80 -19.10 15.85 -2.31
C SER A 80 -20.42 15.49 -2.98
N SER A 81 -20.69 16.09 -4.12
CA SER A 81 -21.95 15.87 -4.83
C SER A 81 -22.11 14.53 -5.58
N LEU A 82 -21.05 14.07 -6.21
CA LEU A 82 -21.12 12.82 -6.99
C LEU A 82 -20.99 11.58 -6.10
N ASP A 83 -21.54 10.45 -6.57
N ASP A 83 -21.53 10.44 -6.54
CA ASP A 83 -21.45 9.24 -5.79
CA ASP A 83 -21.46 9.20 -5.80
C ASP A 83 -20.00 8.77 -5.74
C ASP A 83 -20.01 8.75 -5.74
N CYS A 84 -19.67 7.93 -4.75
CA CYS A 84 -18.33 7.43 -4.61
C CYS A 84 -17.89 6.67 -5.86
N VAL A 85 -18.74 5.79 -6.35
CA VAL A 85 -18.44 4.97 -7.53
C VAL A 85 -18.12 5.70 -8.83
N LEU A 86 -18.57 6.95 -8.97
CA LEU A 86 -18.32 7.73 -10.20
C LEU A 86 -17.38 8.92 -10.01
N ARG A 87 -17.05 9.22 -8.75
CA ARG A 87 -16.18 10.34 -8.40
C ARG A 87 -14.72 10.08 -8.85
N PRO A 88 -13.99 11.12 -9.31
CA PRO A 88 -12.63 10.74 -9.69
C PRO A 88 -11.83 10.46 -8.41
N THR A 89 -10.61 9.94 -8.55
CA THR A 89 -9.79 9.63 -7.38
C THR A 89 -8.79 10.74 -7.10
N GLU A 90 -8.54 11.02 -5.82
CA GLU A 90 -7.63 12.09 -5.45
C GLU A 90 -6.16 11.73 -5.30
N GLY A 91 -5.87 10.48 -4.93
CA GLY A 91 -4.49 10.08 -4.76
C GLY A 91 -4.07 10.35 -3.33
N TYR A 92 -3.03 9.69 -2.84
CA TYR A 92 -2.63 9.93 -1.46
C TYR A 92 -1.28 10.60 -1.40
N LEU A 93 -0.98 11.20 -0.26
CA LEU A 93 0.29 11.90 -0.08
C LEU A 93 1.30 10.95 0.54
N ALA A 94 2.50 10.91 -0.04
CA ALA A 94 3.57 10.08 0.48
C ALA A 94 4.41 10.99 1.35
N VAL A 95 4.62 10.62 2.60
CA VAL A 95 5.38 11.44 3.53
C VAL A 95 6.49 10.68 4.24
N ALA A 96 7.42 11.41 4.81
CA ALA A 96 8.50 10.82 5.59
C ALA A 96 8.15 11.27 6.99
N VAL A 97 8.03 10.32 7.92
CA VAL A 97 7.66 10.67 9.27
C VAL A 97 8.76 10.38 10.28
N VAL A 98 8.90 11.25 11.28
CA VAL A 98 9.93 11.05 12.30
C VAL A 98 9.35 11.35 13.67
N LYS A 99 10.12 11.05 14.71
CA LYS A 99 9.69 11.30 16.09
C LYS A 99 10.05 12.75 16.41
N LYS A 100 9.14 13.49 17.03
CA LYS A 100 9.44 14.89 17.37
C LYS A 100 10.68 14.93 18.25
N ALA A 101 10.71 14.04 19.24
CA ALA A 101 11.80 13.93 20.21
C ALA A 101 13.18 13.74 19.59
N ASN A 102 13.21 13.42 18.29
CA ASN A 102 14.47 13.22 17.55
C ASN A 102 14.80 14.56 16.92
N GLU A 103 14.98 15.56 17.77
CA GLU A 103 15.26 16.91 17.31
C GLU A 103 16.44 16.95 16.38
N GLY A 104 16.34 17.77 15.34
CA GLY A 104 17.45 17.90 14.41
C GLY A 104 17.57 16.93 13.24
N LEU A 105 16.58 16.05 13.09
CA LEU A 105 16.59 15.09 11.99
C LEU A 105 15.82 15.69 10.84
N THR A 106 16.53 16.02 9.76
CA THR A 106 15.90 16.61 8.60
C THR A 106 16.11 15.72 7.39
N TRP A 107 15.47 16.11 6.29
CA TRP A 107 15.61 15.38 5.06
C TRP A 107 17.06 15.31 4.64
N ASN A 108 17.80 16.36 4.98
CA ASN A 108 19.19 16.45 4.61
C ASN A 108 20.22 15.75 5.49
N SER A 109 19.76 14.93 6.42
CA SER A 109 20.69 14.20 7.26
C SER A 109 20.12 12.81 7.54
N LEU A 110 19.50 12.25 6.51
CA LEU A 110 18.94 10.92 6.62
C LEU A 110 20.06 9.91 6.43
N LYS A 111 21.13 10.35 5.78
CA LYS A 111 22.24 9.45 5.53
C LYS A 111 22.73 8.77 6.80
N ASP A 112 22.79 7.43 6.74
CA ASP A 112 23.23 6.59 7.84
C ASP A 112 22.25 6.44 8.98
N LYS A 113 21.03 6.91 8.80
CA LYS A 113 20.03 6.75 9.86
C LYS A 113 19.32 5.41 9.65
N LYS A 114 18.32 5.11 10.46
CA LYS A 114 17.63 3.84 10.30
C LYS A 114 16.26 4.07 9.66
N SER A 115 15.88 3.23 8.71
CA SER A 115 14.61 3.43 8.03
C SER A 115 13.60 2.30 8.07
N CYS A 116 12.34 2.70 7.94
CA CYS A 116 11.22 1.79 7.93
C CYS A 116 10.47 1.97 6.62
N HIS A 117 10.36 0.91 5.84
CA HIS A 117 9.67 0.96 4.55
C HIS A 117 8.51 -0.02 4.51
N THR A 118 7.44 0.38 3.84
CA THR A 118 6.27 -0.50 3.71
C THR A 118 6.67 -1.81 3.07
N ALA A 119 7.48 -1.73 2.02
CA ALA A 119 7.96 -2.91 1.30
C ALA A 119 8.65 -2.49 0.02
N VAL A 120 9.66 -3.26 -0.40
CA VAL A 120 10.36 -2.95 -1.64
C VAL A 120 9.39 -2.90 -2.84
N ASP A 121 9.64 -2.00 -3.77
CA ASP A 121 8.83 -1.81 -4.97
C ASP A 121 7.49 -1.05 -4.80
N ARG A 122 7.17 -0.64 -3.57
CA ARG A 122 5.94 0.11 -3.37
C ARG A 122 6.15 1.62 -3.52
N THR A 123 5.07 2.33 -3.81
CA THR A 123 5.14 3.77 -4.05
C THR A 123 5.71 4.62 -2.91
N ALA A 124 4.94 4.77 -1.85
CA ALA A 124 5.36 5.60 -0.72
C ALA A 124 6.45 4.97 0.13
N GLY A 125 6.41 3.66 0.25
CA GLY A 125 7.39 2.98 1.07
C GLY A 125 8.75 2.83 0.42
N TRP A 126 8.80 2.86 -0.92
CA TRP A 126 10.07 2.66 -1.61
C TRP A 126 10.39 3.54 -2.83
N ASN A 127 9.63 3.38 -3.92
CA ASN A 127 9.88 4.12 -5.15
C ASN A 127 10.02 5.63 -5.06
N ILE A 128 9.17 6.28 -4.27
CA ILE A 128 9.26 7.73 -4.15
C ILE A 128 10.52 8.07 -3.37
N PRO A 129 10.63 7.57 -2.12
CA PRO A 129 11.81 7.86 -1.30
C PRO A 129 13.18 7.50 -1.91
N MET A 130 13.36 6.26 -2.37
CA MET A 130 14.63 5.84 -2.97
C MET A 130 14.86 6.49 -4.32
N GLY A 131 13.78 6.77 -5.03
CA GLY A 131 13.91 7.43 -6.32
C GLY A 131 14.54 8.79 -6.12
N LEU A 132 14.12 9.47 -5.06
CA LEU A 132 14.62 10.80 -4.73
C LEU A 132 16.05 10.74 -4.17
N ILE A 133 16.31 9.72 -3.36
CA ILE A 133 17.64 9.56 -2.76
C ILE A 133 18.67 9.19 -3.83
N VAL A 134 18.29 8.35 -4.78
CA VAL A 134 19.20 7.99 -5.86
C VAL A 134 19.55 9.26 -6.62
N ASN A 135 18.52 10.02 -6.96
CA ASN A 135 18.68 11.26 -7.69
C ASN A 135 19.58 12.32 -7.12
N GLN A 136 19.38 12.62 -5.83
CA GLN A 136 20.15 13.64 -5.16
C GLN A 136 21.52 13.12 -4.79
N THR A 137 21.63 11.80 -4.69
CA THR A 137 22.86 11.15 -4.32
C THR A 137 23.79 10.86 -5.49
N GLY A 138 23.24 10.90 -6.70
CA GLY A 138 24.03 10.61 -7.88
C GLY A 138 24.48 9.17 -7.97
N SER A 139 24.23 8.42 -6.90
CA SER A 139 24.61 7.02 -6.86
C SER A 139 23.40 6.08 -6.84
N CYS A 140 23.64 4.84 -7.23
CA CYS A 140 22.64 3.79 -7.25
C CYS A 140 22.82 2.89 -6.03
N ALA A 141 23.90 3.10 -5.29
CA ALA A 141 24.22 2.30 -4.12
C ALA A 141 23.24 2.58 -2.98
N PHE A 142 21.96 2.69 -3.32
CA PHE A 142 20.94 2.96 -2.32
C PHE A 142 20.84 1.87 -1.25
N ASP A 143 21.62 0.81 -1.40
CA ASP A 143 21.59 -0.24 -0.39
C ASP A 143 22.54 0.15 0.73
N GLU A 144 23.36 1.17 0.46
CA GLU A 144 24.33 1.66 1.42
C GLU A 144 24.04 3.05 1.99
N PHE A 145 22.82 3.57 1.79
CA PHE A 145 22.44 4.90 2.29
C PHE A 145 22.04 4.91 3.77
N PHE A 146 21.18 3.98 4.15
CA PHE A 146 20.76 3.87 5.54
C PHE A 146 21.67 2.83 6.16
N SER A 147 21.96 2.96 7.46
CA SER A 147 22.83 2.01 8.14
C SER A 147 22.08 0.70 8.22
N GLN A 148 20.80 0.79 8.57
CA GLN A 148 19.95 -0.39 8.67
C GLN A 148 18.51 -0.01 8.35
N SER A 149 17.74 -0.99 7.90
CA SER A 149 16.36 -0.73 7.56
C SER A 149 15.54 -2.00 7.67
N CYS A 150 14.25 -1.82 7.46
CA CYS A 150 13.35 -2.94 7.36
C CYS A 150 12.60 -2.59 6.09
N ALA A 151 12.95 -3.28 5.02
CA ALA A 151 12.34 -3.05 3.71
C ALA A 151 11.92 -4.43 3.23
N PRO A 152 10.74 -4.90 3.67
CA PRO A 152 10.23 -6.21 3.26
C PRO A 152 10.44 -6.45 1.77
N GLY A 153 10.98 -7.61 1.42
CA GLY A 153 11.22 -7.92 0.02
C GLY A 153 12.68 -7.90 -0.38
N ALA A 154 13.54 -7.36 0.46
CA ALA A 154 14.97 -7.34 0.14
C ALA A 154 15.59 -8.63 0.67
N ASP A 155 16.89 -8.82 0.44
CA ASP A 155 17.59 -10.01 0.89
C ASP A 155 17.70 -10.05 2.42
N PRO A 156 17.13 -11.09 3.05
CA PRO A 156 17.14 -11.25 4.51
C PRO A 156 18.50 -11.07 5.18
N LYS A 157 19.57 -11.43 4.49
CA LYS A 157 20.89 -11.31 5.07
C LYS A 157 21.44 -9.90 4.96
N SER A 158 20.74 -9.03 4.23
CA SER A 158 21.24 -7.67 4.05
C SER A 158 20.80 -6.68 5.13
N ARG A 159 21.52 -5.56 5.21
CA ARG A 159 21.20 -4.52 6.19
C ARG A 159 19.81 -3.92 5.95
N LEU A 160 19.27 -4.12 4.75
CA LEU A 160 17.94 -3.61 4.41
C LEU A 160 16.82 -4.41 5.09
N CYS A 161 17.18 -5.54 5.69
CA CYS A 161 16.22 -6.40 6.38
C CYS A 161 16.65 -6.50 7.84
N ALA A 162 17.75 -5.83 8.16
CA ALA A 162 18.30 -5.83 9.51
C ALA A 162 17.31 -5.46 10.60
N LEU A 163 16.44 -4.49 10.31
CA LEU A 163 15.44 -4.02 11.27
C LEU A 163 14.10 -4.75 11.26
N CYS A 164 13.92 -5.75 10.39
CA CYS A 164 12.65 -6.48 10.35
C CYS A 164 12.58 -7.60 11.41
N ALA A 165 11.37 -7.88 11.90
CA ALA A 165 11.18 -8.87 12.99
C ALA A 165 10.54 -10.23 12.68
N GLY A 166 9.90 -10.38 11.54
CA GLY A 166 9.28 -11.66 11.27
C GLY A 166 7.96 -11.79 12.02
N ASP A 167 7.43 -13.01 12.16
CA ASP A 167 6.13 -13.23 12.83
C ASP A 167 6.16 -13.49 14.34
N ASP A 168 5.09 -14.08 14.87
N ASP A 168 5.08 -14.06 14.84
CA ASP A 168 5.05 -14.36 16.31
CA ASP A 168 5.00 -14.35 16.27
C ASP A 168 6.32 -15.02 16.77
C ASP A 168 6.25 -15.07 16.79
N GLN A 169 6.89 -15.88 15.95
CA GLN A 169 8.10 -16.62 16.34
C GLN A 169 9.44 -16.20 15.73
N GLY A 170 9.49 -15.12 14.97
CA GLY A 170 10.77 -14.75 14.38
C GLY A 170 10.95 -15.42 13.02
N LEU A 171 9.98 -16.25 12.63
CA LEU A 171 10.03 -16.90 11.33
C LEU A 171 9.58 -15.88 10.31
N ASP A 172 9.92 -16.11 9.05
CA ASP A 172 9.53 -15.23 7.94
C ASP A 172 10.09 -13.81 7.92
N LYS A 173 11.25 -13.61 8.51
CA LYS A 173 11.86 -12.28 8.54
C LYS A 173 12.01 -11.58 7.21
N CYS A 174 11.40 -10.40 7.10
CA CYS A 174 11.45 -9.56 5.91
C CYS A 174 10.57 -9.97 4.73
N VAL A 175 9.66 -10.93 4.90
CA VAL A 175 8.82 -11.30 3.78
C VAL A 175 7.86 -10.18 3.53
N PRO A 176 7.52 -9.94 2.25
CA PRO A 176 6.61 -8.87 1.90
C PRO A 176 5.15 -9.25 1.93
N ASN A 177 4.69 -9.66 3.10
CA ASN A 177 3.28 -9.96 3.32
C ASN A 177 3.13 -9.67 4.79
N SER A 178 1.89 -9.53 5.27
CA SER A 178 1.65 -9.18 6.66
C SER A 178 2.18 -10.08 7.76
N LYS A 179 2.70 -11.26 7.46
CA LYS A 179 3.25 -12.09 8.54
C LYS A 179 4.43 -11.34 9.19
N GLU A 180 5.07 -10.46 8.41
CA GLU A 180 6.17 -9.66 8.92
C GLU A 180 5.56 -8.49 9.72
N LYS A 181 6.04 -8.36 10.95
CA LYS A 181 5.58 -7.35 11.90
C LYS A 181 5.60 -5.91 11.36
N TYR A 182 6.66 -5.53 10.64
CA TYR A 182 6.79 -4.19 10.09
C TYR A 182 6.48 -4.03 8.61
N TYR A 183 5.56 -4.84 8.11
CA TYR A 183 5.18 -4.78 6.70
C TYR A 183 4.03 -3.82 6.42
N GLY A 184 4.08 -3.14 5.28
CA GLY A 184 3.02 -2.23 4.88
C GLY A 184 2.98 -0.91 5.64
N TYR A 185 2.00 -0.07 5.33
CA TYR A 185 1.86 1.24 5.98
C TYR A 185 1.89 1.16 7.51
N THR A 186 1.15 0.20 8.03
CA THR A 186 1.03 0.00 9.47
C THR A 186 2.30 -0.52 10.13
N GLY A 187 2.92 -1.53 9.52
CA GLY A 187 4.12 -2.09 10.11
C GLY A 187 5.26 -1.10 10.10
N ALA A 188 5.39 -0.36 8.99
CA ALA A 188 6.43 0.65 8.84
C ALA A 188 6.30 1.75 9.89
N PHE A 189 5.08 2.12 10.22
CA PHE A 189 4.83 3.16 11.22
C PHE A 189 5.12 2.62 12.61
N ARG A 190 4.77 1.36 12.82
CA ARG A 190 5.00 0.69 14.10
C ARG A 190 6.51 0.65 14.33
N CYS A 191 7.22 0.33 13.26
CA CYS A 191 8.67 0.24 13.25
C CYS A 191 9.27 1.54 13.82
N LEU A 192 8.68 2.67 13.43
CA LEU A 192 9.14 3.98 13.90
C LEU A 192 8.55 4.27 15.28
N ALA A 193 7.26 3.98 15.45
CA ALA A 193 6.56 4.21 16.70
C ALA A 193 7.28 3.55 17.88
N GLU A 194 7.83 2.37 17.63
CA GLU A 194 8.54 1.63 18.68
C GLU A 194 10.02 1.98 18.66
N ASP A 195 10.38 3.01 17.90
CA ASP A 195 11.76 3.45 17.82
C ASP A 195 12.73 2.45 17.27
N VAL A 196 12.25 1.52 16.46
CA VAL A 196 13.14 0.56 15.81
C VAL A 196 13.90 1.35 14.74
N GLY A 197 13.19 2.27 14.08
CA GLY A 197 13.80 3.12 13.07
C GLY A 197 13.69 4.60 13.41
N ASP A 198 14.43 5.41 12.66
CA ASP A 198 14.42 6.86 12.88
C ASP A 198 13.42 7.55 11.96
N VAL A 199 13.22 6.97 10.79
CA VAL A 199 12.30 7.52 9.79
C VAL A 199 11.48 6.40 9.16
N ALA A 200 10.26 6.74 8.77
CA ALA A 200 9.37 5.77 8.16
C ALA A 200 8.75 6.43 6.93
N PHE A 201 8.66 5.64 5.85
CA PHE A 201 8.10 6.11 4.60
C PHE A 201 6.74 5.49 4.38
N VAL A 202 5.71 6.24 4.77
CA VAL A 202 4.33 5.81 4.67
C VAL A 202 3.54 6.90 3.96
N LYS A 203 2.23 6.93 4.19
CA LYS A 203 1.37 7.94 3.58
C LYS A 203 0.72 8.74 4.72
N ASN A 204 0.26 9.95 4.41
CA ASN A 204 -0.36 10.84 5.39
C ASN A 204 -1.44 10.18 6.25
N ASP A 205 -2.35 9.44 5.62
CA ASP A 205 -3.44 8.81 6.34
C ASP A 205 -2.99 7.90 7.48
N THR A 206 -1.87 7.20 7.27
CA THR A 206 -1.38 6.26 8.27
C THR A 206 -1.09 6.88 9.64
N VAL A 207 -0.59 8.11 9.67
CA VAL A 207 -0.27 8.78 10.93
C VAL A 207 -1.55 9.03 11.72
N TRP A 208 -2.55 9.60 11.04
CA TRP A 208 -3.82 9.91 11.66
C TRP A 208 -4.61 8.72 12.17
N GLU A 209 -4.54 7.62 11.45
CA GLU A 209 -5.30 6.44 11.81
C GLU A 209 -4.71 5.59 12.92
N ASN A 210 -3.47 5.87 13.31
CA ASN A 210 -2.81 5.10 14.35
C ASN A 210 -2.36 5.96 15.54
N THR A 211 -2.87 7.19 15.59
CA THR A 211 -2.54 8.10 16.68
C THR A 211 -3.79 8.68 17.30
N ASN A 212 -3.62 9.24 18.50
CA ASN A 212 -4.73 9.85 19.20
C ASN A 212 -5.90 8.88 19.34
N GLY A 213 -5.58 7.66 19.78
CA GLY A 213 -6.58 6.63 20.01
C GLY A 213 -7.44 6.15 18.84
N GLU A 214 -7.01 6.41 17.61
CA GLU A 214 -7.77 5.95 16.45
C GLU A 214 -7.58 4.44 16.28
N SER A 215 -6.44 3.96 16.72
CA SER A 215 -6.12 2.55 16.67
C SER A 215 -6.15 2.04 18.10
N THR A 216 -6.89 0.96 18.31
CA THR A 216 -7.03 0.38 19.64
C THR A 216 -5.93 -0.64 19.88
N ALA A 217 -5.02 -0.78 18.92
CA ALA A 217 -3.92 -1.73 19.06
C ALA A 217 -3.01 -1.28 20.18
N ASP A 218 -2.40 -2.25 20.85
CA ASP A 218 -1.51 -2.01 21.98
C ASP A 218 -0.30 -1.11 21.74
N TRP A 219 0.31 -1.20 20.57
CA TRP A 219 1.48 -0.37 20.28
C TRP A 219 1.10 1.03 19.86
N ALA A 220 -0.16 1.23 19.49
CA ALA A 220 -0.64 2.54 19.06
C ALA A 220 -1.49 3.28 20.07
N LYS A 221 -2.02 2.57 21.08
CA LYS A 221 -2.87 3.16 22.13
C LYS A 221 -2.46 4.56 22.55
N ASN A 222 -1.27 4.64 23.11
CA ASN A 222 -0.70 5.87 23.65
C ASN A 222 0.00 6.80 22.67
N LEU A 223 -0.09 6.52 21.38
CA LEU A 223 0.59 7.38 20.41
C LEU A 223 -0.15 8.70 20.21
N LYS A 224 0.60 9.78 20.25
CA LYS A 224 0.08 11.14 20.13
C LYS A 224 0.61 11.80 18.86
N ARG A 225 -0.30 12.36 18.05
CA ARG A 225 0.09 13.03 16.80
C ARG A 225 1.15 14.10 16.96
N GLU A 226 1.06 14.88 18.01
CA GLU A 226 2.02 15.95 18.21
C GLU A 226 3.45 15.49 18.52
N ASP A 227 3.65 14.19 18.64
CA ASP A 227 4.98 13.69 18.91
C ASP A 227 5.65 13.26 17.62
N PHE A 228 4.96 13.52 16.52
CA PHE A 228 5.46 13.17 15.20
C PHE A 228 5.67 14.42 14.36
N ARG A 229 6.52 14.29 13.35
CA ARG A 229 6.86 15.39 12.46
C ARG A 229 7.14 14.88 11.06
N LEU A 230 6.72 15.64 10.06
CA LEU A 230 6.95 15.28 8.67
C LEU A 230 8.25 15.92 8.25
N LEU A 231 8.93 15.28 7.31
CA LEU A 231 10.18 15.80 6.79
C LEU A 231 9.85 16.34 5.41
N CYS A 232 10.09 17.62 5.18
CA CYS A 232 9.80 18.20 3.87
C CYS A 232 11.06 18.17 3.07
N LEU A 233 10.91 18.34 1.76
CA LEU A 233 12.07 18.32 0.87
C LEU A 233 12.90 19.58 1.00
N ASP A 234 12.32 20.67 1.50
CA ASP A 234 13.12 21.88 1.66
C ASP A 234 14.03 21.86 2.91
N GLY A 235 14.16 20.69 3.51
CA GLY A 235 15.01 20.52 4.68
C GLY A 235 14.37 21.00 5.95
N THR A 236 13.07 21.22 5.92
CA THR A 236 12.33 21.74 7.06
C THR A 236 11.51 20.63 7.75
N ARG A 237 10.95 20.91 8.93
CA ARG A 237 10.13 19.91 9.66
C ARG A 237 8.79 20.54 10.04
N LYS A 238 7.69 19.87 9.71
CA LYS A 238 6.38 20.42 10.03
C LYS A 238 5.46 19.45 10.77
N PRO A 239 4.41 19.97 11.42
CA PRO A 239 3.43 19.17 12.16
C PRO A 239 2.70 18.26 11.17
N VAL A 240 2.23 17.11 11.62
CA VAL A 240 1.56 16.19 10.71
C VAL A 240 0.32 16.82 10.10
N THR A 241 -0.13 17.93 10.67
CA THR A 241 -1.30 18.62 10.15
C THR A 241 -1.04 19.33 8.83
N GLU A 242 0.24 19.46 8.47
CA GLU A 242 0.65 20.15 7.25
C GLU A 242 1.10 19.27 6.09
N ALA A 243 0.51 18.10 5.90
CA ALA A 243 0.97 17.26 4.80
C ALA A 243 0.77 17.91 3.41
N GLN A 244 -0.21 18.79 3.28
CA GLN A 244 -0.48 19.46 2.01
C GLN A 244 0.74 20.19 1.47
N SER A 245 1.66 20.56 2.37
CA SER A 245 2.84 21.30 1.94
C SER A 245 4.17 20.68 2.38
N CYS A 246 4.12 19.45 2.85
CA CYS A 246 5.33 18.76 3.29
C CYS A 246 5.27 17.26 3.01
N HIS A 247 4.97 16.92 1.75
CA HIS A 247 4.91 15.53 1.31
C HIS A 247 5.98 15.34 0.26
N LEU A 248 6.28 14.09 -0.08
CA LEU A 248 7.32 13.84 -1.07
C LEU A 248 6.70 13.71 -2.44
N ALA A 249 5.41 13.37 -2.48
CA ALA A 249 4.71 13.20 -3.73
C ALA A 249 3.30 12.74 -3.48
N VAL A 250 2.45 12.89 -4.49
CA VAL A 250 1.07 12.43 -4.40
C VAL A 250 1.02 11.18 -5.25
N ALA A 251 0.63 10.08 -4.63
CA ALA A 251 0.60 8.79 -5.29
C ALA A 251 -0.75 8.38 -5.83
N PRO A 252 -0.76 7.58 -6.90
CA PRO A 252 -2.06 7.15 -7.42
C PRO A 252 -2.63 6.08 -6.47
N ASN A 253 -3.93 6.05 -6.32
CA ASN A 253 -4.57 5.09 -5.42
C ASN A 253 -4.29 3.63 -5.77
N HIS A 254 -4.41 2.77 -4.76
CA HIS A 254 -4.23 1.35 -5.00
C HIS A 254 -5.45 0.99 -5.82
N ALA A 255 -5.28 0.03 -6.72
CA ALA A 255 -6.41 -0.36 -7.56
C ALA A 255 -6.41 -1.86 -7.84
N VAL A 256 -7.59 -2.36 -8.17
CA VAL A 256 -7.78 -3.76 -8.51
C VAL A 256 -7.29 -3.97 -9.95
N VAL A 257 -6.44 -4.96 -10.16
CA VAL A 257 -5.98 -5.27 -11.52
C VAL A 257 -6.41 -6.68 -11.91
N SER A 258 -6.47 -6.92 -13.21
CA SER A 258 -6.85 -8.22 -13.73
C SER A 258 -6.31 -8.33 -15.13
N ARG A 259 -6.46 -9.50 -15.74
CA ARG A 259 -6.01 -9.66 -17.12
C ARG A 259 -7.12 -8.96 -17.91
N SER A 260 -6.77 -8.33 -19.03
CA SER A 260 -7.77 -7.63 -19.81
C SER A 260 -8.91 -8.49 -20.33
N ASP A 261 -8.65 -9.76 -20.60
CA ASP A 261 -9.74 -10.61 -21.09
C ASP A 261 -10.69 -10.98 -19.95
N ARG A 262 -10.38 -10.48 -18.74
CA ARG A 262 -11.17 -10.76 -17.55
C ARG A 262 -11.79 -9.52 -16.92
N ALA A 263 -11.23 -8.35 -17.21
CA ALA A 263 -11.70 -7.08 -16.64
C ALA A 263 -13.21 -6.82 -16.61
N ALA A 264 -13.88 -7.00 -17.74
CA ALA A 264 -15.32 -6.75 -17.78
C ALA A 264 -16.05 -7.59 -16.73
N HIS A 265 -15.61 -8.84 -16.60
CA HIS A 265 -16.20 -9.77 -15.66
C HIS A 265 -15.83 -9.47 -14.22
N VAL A 266 -14.58 -9.09 -13.98
CA VAL A 266 -14.14 -8.79 -12.64
C VAL A 266 -14.87 -7.54 -12.16
N GLU A 267 -14.93 -6.54 -13.02
CA GLU A 267 -15.59 -5.27 -12.72
C GLU A 267 -17.03 -5.43 -12.26
N GLN A 268 -17.82 -6.12 -13.07
CA GLN A 268 -19.24 -6.36 -12.77
C GLN A 268 -19.48 -7.04 -11.43
N VAL A 269 -18.80 -8.15 -11.19
CA VAL A 269 -18.94 -8.89 -9.95
C VAL A 269 -18.54 -8.05 -8.75
N LEU A 270 -17.50 -7.25 -8.92
CA LEU A 270 -17.00 -6.42 -7.83
C LEU A 270 -17.97 -5.34 -7.40
N LEU A 271 -18.61 -4.65 -8.36
CA LEU A 271 -19.56 -3.59 -8.01
C LEU A 271 -20.76 -4.15 -7.23
N HIS A 272 -21.20 -5.35 -7.59
CA HIS A 272 -22.32 -6.00 -6.91
C HIS A 272 -21.86 -6.41 -5.52
N GLN A 273 -20.70 -7.04 -5.45
CA GLN A 273 -20.15 -7.46 -4.16
C GLN A 273 -20.01 -6.26 -3.23
N GLN A 274 -19.63 -5.14 -3.82
CA GLN A 274 -19.44 -3.87 -3.11
C GLN A 274 -20.75 -3.30 -2.57
N ALA A 275 -21.84 -3.51 -3.29
CA ALA A 275 -23.13 -3.01 -2.84
C ALA A 275 -23.60 -3.85 -1.65
N LEU A 276 -22.98 -5.02 -1.49
CA LEU A 276 -23.31 -5.94 -0.41
C LEU A 276 -22.42 -5.83 0.84
N PHE A 277 -21.12 -5.57 0.66
CA PHE A 277 -20.22 -5.49 1.81
C PHE A 277 -19.42 -4.20 1.83
N GLY A 278 -19.79 -3.28 0.95
CA GLY A 278 -19.12 -1.99 0.90
C GLY A 278 -19.50 -1.16 2.11
N LYS A 279 -19.15 0.13 2.11
CA LYS A 279 -19.45 0.99 3.25
C LYS A 279 -20.91 1.02 3.69
N ASN A 280 -21.84 1.09 2.73
CA ASN A 280 -23.28 1.10 3.07
C ASN A 280 -24.01 -0.11 2.51
N GLY A 281 -23.39 -1.28 2.64
CA GLY A 281 -23.96 -2.49 2.10
C GLY A 281 -25.09 -3.17 2.84
N LYS A 282 -25.92 -3.85 2.07
CA LYS A 282 -27.07 -4.61 2.55
C LYS A 282 -26.63 -5.40 3.77
N ASN A 283 -25.43 -6.00 3.64
CA ASN A 283 -24.84 -6.83 4.68
C ASN A 283 -23.53 -6.37 5.34
N CYS A 284 -22.88 -5.31 4.89
CA CYS A 284 -21.61 -4.98 5.55
C CYS A 284 -21.57 -5.02 7.08
N PRO A 285 -22.08 -3.97 7.76
CA PRO A 285 -22.06 -3.94 9.22
C PRO A 285 -22.50 -5.19 9.98
N ASP A 286 -23.68 -5.70 9.62
N ASP A 286 -23.67 -5.68 9.62
CA ASP A 286 -24.24 -6.86 10.30
CA ASP A 286 -24.26 -6.85 10.28
C ASP A 286 -23.57 -8.20 10.07
C ASP A 286 -23.58 -8.19 10.07
N LYS A 287 -23.40 -8.61 8.81
CA LYS A 287 -22.75 -9.89 8.54
C LYS A 287 -21.27 -9.76 8.13
N PHE A 288 -20.96 -9.01 7.07
CA PHE A 288 -19.54 -8.88 6.66
C PHE A 288 -19.18 -7.57 5.92
N CYS A 289 -17.99 -7.02 6.19
CA CYS A 289 -17.53 -5.79 5.53
C CYS A 289 -16.17 -5.93 4.85
N LEU A 290 -16.18 -5.77 3.52
CA LEU A 290 -14.98 -5.87 2.69
C LEU A 290 -13.85 -4.95 3.13
N PHE A 291 -14.18 -3.70 3.44
CA PHE A 291 -13.17 -2.72 3.81
C PHE A 291 -12.78 -2.59 5.27
N LYS A 292 -13.15 -3.57 6.08
CA LYS A 292 -12.80 -3.53 7.49
C LYS A 292 -11.89 -4.72 7.81
N SER A 293 -10.93 -4.49 8.72
CA SER A 293 -9.99 -5.52 9.15
C SER A 293 -9.09 -5.03 10.29
N GLU A 294 -9.68 -4.32 11.24
CA GLU A 294 -8.96 -3.82 12.41
C GLU A 294 -7.54 -3.27 12.18
N THR A 295 -7.45 -2.07 11.61
CA THR A 295 -6.19 -1.39 11.35
C THR A 295 -5.17 -2.12 10.44
N LYS A 296 -5.52 -3.30 9.94
CA LYS A 296 -4.60 -4.11 9.12
C LYS A 296 -4.56 -4.03 7.58
N ASN A 297 -5.47 -3.29 6.95
CA ASN A 297 -5.46 -3.13 5.49
C ASN A 297 -5.30 -4.43 4.70
N LEU A 298 -6.13 -5.42 5.06
CA LEU A 298 -6.11 -6.71 4.42
C LEU A 298 -7.01 -6.68 3.19
N LEU A 299 -6.43 -6.99 2.03
CA LEU A 299 -7.14 -7.01 0.74
C LEU A 299 -7.39 -5.60 0.19
N PHE A 300 -7.82 -4.71 1.06
CA PHE A 300 -8.08 -3.32 0.70
C PHE A 300 -7.64 -2.49 1.89
N ASN A 301 -7.37 -1.21 1.68
CA ASN A 301 -6.99 -0.35 2.79
C ASN A 301 -8.25 -0.19 3.65
N ASP A 302 -8.07 -0.10 4.96
CA ASP A 302 -9.21 0.04 5.85
C ASP A 302 -10.02 1.31 5.62
N ASN A 303 -9.40 2.35 5.06
CA ASN A 303 -10.11 3.61 4.84
C ASN A 303 -10.82 3.76 3.50
N THR A 304 -10.95 2.66 2.75
CA THR A 304 -11.63 2.71 1.46
C THR A 304 -13.13 2.96 1.61
N GLU A 305 -13.66 4.01 0.98
CA GLU A 305 -15.09 4.26 1.07
C GLU A 305 -15.76 3.32 0.08
N CYS A 306 -15.12 3.16 -1.09
CA CYS A 306 -15.63 2.31 -2.14
C CYS A 306 -14.63 2.19 -3.27
N LEU A 307 -14.88 1.25 -4.18
CA LEU A 307 -14.04 1.06 -5.35
C LEU A 307 -14.73 1.86 -6.46
N ALA A 308 -13.98 2.73 -7.14
CA ALA A 308 -14.57 3.60 -8.16
C ALA A 308 -14.33 3.20 -9.61
N LYS A 309 -15.32 3.46 -10.47
CA LYS A 309 -15.18 3.19 -11.90
C LYS A 309 -14.03 4.11 -12.29
N LEU A 310 -13.38 3.87 -13.42
CA LEU A 310 -12.25 4.72 -13.78
C LEU A 310 -12.49 5.87 -14.75
N GLY A 311 -13.16 5.61 -15.86
CA GLY A 311 -13.43 6.69 -16.80
C GLY A 311 -12.22 7.09 -17.62
N GLY A 312 -12.32 6.91 -18.94
CA GLY A 312 -11.20 7.22 -19.79
C GLY A 312 -10.53 5.90 -20.03
N ARG A 313 -11.19 4.86 -19.52
CA ARG A 313 -10.73 3.50 -19.65
C ARG A 313 -9.24 3.55 -19.91
N PRO A 314 -8.48 4.04 -18.91
CA PRO A 314 -7.03 4.20 -18.98
C PRO A 314 -6.21 2.93 -18.95
N THR A 315 -5.07 3.01 -19.62
CA THR A 315 -4.10 1.92 -19.64
C THR A 315 -3.35 2.15 -18.33
N TYR A 316 -2.48 1.24 -17.97
CA TYR A 316 -1.77 1.39 -16.71
C TYR A 316 -0.88 2.62 -16.65
N GLU A 317 -0.28 3.01 -17.77
CA GLU A 317 0.58 4.19 -17.78
C GLU A 317 -0.29 5.41 -17.52
N GLU A 318 -1.45 5.44 -18.16
CA GLU A 318 -2.35 6.58 -17.98
C GLU A 318 -2.81 6.61 -16.54
N TYR A 319 -3.16 5.45 -15.99
CA TYR A 319 -3.62 5.42 -14.61
C TYR A 319 -2.53 5.94 -13.69
N LEU A 320 -1.31 5.42 -13.82
CA LEU A 320 -0.22 5.85 -12.95
C LEU A 320 0.26 7.26 -13.27
N GLY A 321 0.04 7.72 -14.49
CA GLY A 321 0.48 9.07 -14.83
C GLY A 321 1.93 9.10 -15.31
N THR A 322 2.22 9.97 -16.28
CA THR A 322 3.56 10.07 -16.85
C THR A 322 4.59 10.38 -15.79
N GLU A 323 4.18 11.20 -14.82
CA GLU A 323 5.03 11.61 -13.72
C GLU A 323 5.72 10.42 -13.07
N TYR A 324 4.89 9.62 -12.42
CA TYR A 324 5.30 8.45 -11.70
C TYR A 324 5.92 7.34 -12.54
N VAL A 325 5.43 7.13 -13.77
CA VAL A 325 6.01 6.08 -14.60
C VAL A 325 7.47 6.42 -14.83
N THR A 326 7.71 7.71 -15.02
CA THR A 326 9.06 8.19 -15.26
C THR A 326 9.89 8.02 -13.99
N ALA A 327 9.30 8.25 -12.83
CA ALA A 327 10.05 8.08 -11.59
C ALA A 327 10.54 6.63 -11.47
N ILE A 328 9.62 5.69 -11.63
CA ILE A 328 9.94 4.25 -11.55
C ILE A 328 10.97 3.80 -12.58
N ALA A 329 10.85 4.27 -13.80
CA ALA A 329 11.77 3.90 -14.85
C ALA A 329 13.18 4.30 -14.44
N ASN A 330 13.35 5.56 -14.04
CA ASN A 330 14.68 6.05 -13.65
C ASN A 330 15.30 5.32 -12.46
N LEU A 331 14.47 4.78 -11.58
CA LEU A 331 14.97 4.07 -10.40
C LEU A 331 15.33 2.63 -10.73
N LYS A 332 14.51 2.03 -11.58
CA LYS A 332 14.68 0.64 -12.02
C LYS A 332 15.90 0.39 -12.89
N LYS A 333 16.46 1.43 -13.49
CA LYS A 333 17.65 1.19 -14.33
C LYS A 333 18.89 0.99 -13.47
N CYS A 334 18.71 1.17 -12.17
CA CYS A 334 19.77 0.98 -11.19
C CYS A 334 19.86 -0.48 -10.72
N SER A 335 18.74 -1.20 -10.81
CA SER A 335 18.68 -2.59 -10.40
C SER A 335 19.16 -3.53 -11.49
N LEU A 340 14.36 -2.60 -19.47
CA LEU A 340 13.78 -1.25 -19.31
C LEU A 340 12.37 -1.11 -19.87
N GLU A 341 11.91 -2.17 -20.67
CA GLU A 341 10.46 -2.54 -20.77
C GLU A 341 10.45 -4.06 -20.52
N ALA A 342 9.59 -4.54 -19.63
CA ALA A 342 9.84 -5.89 -19.18
C ALA A 342 8.85 -6.98 -19.64
N CYS A 343 7.98 -7.24 -18.65
CA CYS A 343 7.36 -8.50 -18.19
C CYS A 343 8.51 -9.25 -17.59
N ALA A 344 8.73 -8.76 -16.37
CA ALA A 344 9.78 -9.10 -15.46
C ALA A 344 9.47 -10.45 -14.84
N PHE A 345 8.67 -11.31 -15.60
CA PHE A 345 8.36 -12.69 -15.24
C PHE A 345 8.32 -13.47 -16.55
C1 NAG B . 14.92 11.42 -10.71
C2 NAG B . 13.43 11.75 -10.75
C3 NAG B . 12.85 11.69 -12.17
C4 NAG B . 13.78 12.39 -13.15
C5 NAG B . 15.18 11.84 -13.01
C6 NAG B . 16.16 12.39 -14.03
C7 NAG B . 12.03 11.22 -8.88
C8 NAG B . 11.47 10.13 -7.96
N2 NAG B . 12.72 10.81 -9.93
O3 NAG B . 11.57 12.30 -12.20
O4 NAG B . 13.30 12.16 -14.48
O5 NAG B . 15.66 12.13 -11.70
O6 NAG B . 16.08 13.80 -14.08
O7 NAG B . 11.83 12.40 -8.62
C1 NAG B . 13.10 13.38 -15.21
C2 NAG B . 13.06 13.02 -16.68
C3 NAG B . 12.55 14.16 -17.55
C4 NAG B . 11.26 14.70 -16.95
C5 NAG B . 11.41 15.05 -15.49
C6 NAG B . 10.08 15.45 -14.90
C7 NAG B . 14.66 11.51 -17.61
C8 NAG B . 16.08 11.24 -18.08
N2 NAG B . 14.41 12.69 -17.09
O3 NAG B . 12.29 13.68 -18.86
O4 NAG B . 10.86 15.84 -17.68
O5 NAG B . 11.82 13.88 -14.75
O6 NAG B . 9.20 14.34 -14.84
O7 NAG B . 13.79 10.64 -17.75
C1 MAN B . 9.52 15.73 -18.21
C2 MAN B . 9.43 14.54 -19.22
C3 MAN B . 9.36 14.98 -20.67
C4 MAN B . 8.27 15.99 -20.69
C5 MAN B . 8.84 17.26 -20.10
C6 MAN B . 7.68 18.17 -20.00
O2 MAN B . 8.32 13.71 -18.93
O3 MAN B . 9.02 13.88 -21.50
O4 MAN B . 7.74 16.13 -22.04
O5 MAN B . 9.23 17.08 -18.71
O6 MAN B . 6.61 17.38 -19.54
C1 BMA B . 6.99 17.30 -22.44
C2 BMA B . 7.84 17.97 -23.51
C3 BMA B . 7.09 18.96 -24.43
C4 BMA B . 5.74 18.41 -24.87
C5 BMA B . 4.98 17.84 -23.69
C6 BMA B . 3.68 17.23 -24.19
O2 BMA B . 8.42 16.97 -24.31
O3 BMA B . 7.88 19.15 -25.60
O4 BMA B . 4.97 19.45 -25.47
O5 BMA B . 5.76 16.80 -23.05
O6 BMA B . 3.05 16.49 -23.16
C1 MAN B . 5.64 18.29 -19.00
C2 MAN B . 4.49 17.56 -19.73
C3 MAN B . 3.31 18.43 -20.25
C4 MAN B . 3.17 19.78 -19.56
C5 MAN B . 4.52 20.36 -19.17
C6 MAN B . 4.34 21.62 -18.39
O2 MAN B . 3.97 16.53 -18.91
O3 MAN B . 2.12 17.70 -20.00
O4 MAN B . 2.47 20.70 -20.40
O5 MAN B . 5.17 19.44 -18.29
O6 MAN B . 3.84 21.31 -17.10
C1 NAG C . -24.10 -14.28 -6.96
C2 NAG C . -24.95 -13.51 -5.95
C3 NAG C . -26.44 -13.52 -6.31
C4 NAG C . -26.65 -13.12 -7.77
C5 NAG C . -25.69 -13.82 -8.73
C6 NAG C . -25.77 -12.98 -9.98
C7 NAG C . -24.11 -13.33 -3.69
C8 NAG C . -24.38 -13.70 -2.24
N2 NAG C . -24.78 -14.04 -4.61
O3 NAG C . -27.14 -12.59 -5.48
O4 NAG C . -27.99 -13.45 -8.20
O5 NAG C . -24.32 -13.73 -8.27
O6 NAG C . -25.64 -11.61 -9.62
O7 NAG C . -23.34 -12.42 -3.97
C1 NAG C . -28.89 -12.39 -8.58
C2 NAG C . -30.17 -12.96 -9.19
C3 NAG C . -31.11 -11.83 -9.58
C4 NAG C . -31.49 -11.17 -8.28
C5 NAG C . -30.23 -10.62 -7.59
C6 NAG C . -30.65 -10.19 -6.21
C7 NAG C . -29.10 -13.62 -11.28
C8 NAG C . -28.83 -12.20 -11.73
N2 NAG C . -29.98 -13.86 -10.31
O3 NAG C . -32.27 -12.38 -10.20
O4 NAG C . -32.45 -10.14 -8.49
O5 NAG C . -29.23 -11.65 -7.39
O6 NAG C . -30.96 -11.34 -5.42
O7 NAG C . -28.52 -14.54 -11.83
C1 NAG D . -4.38 13.08 6.03
C2 NAG D . -5.34 14.13 5.46
C3 NAG D . -6.51 14.36 6.40
C4 NAG D . -7.21 13.05 6.77
C5 NAG D . -6.16 12.03 7.24
C6 NAG D . -6.76 10.66 7.46
C7 NAG D . -4.53 15.87 4.01
C8 NAG D . -3.99 17.29 3.89
N2 NAG D . -4.62 15.37 5.24
O3 NAG D . -7.45 15.23 5.77
O4 NAG D . -8.17 13.31 7.81
O5 NAG D . -5.11 11.88 6.26
O6 NAG D . -7.28 10.14 6.25
O7 NAG D . -4.86 15.25 3.00
C1 NAG D . -9.47 12.75 7.60
C2 NAG D . -10.10 12.62 9.01
C3 NAG D . -11.61 12.44 8.95
C4 NAG D . -12.28 13.49 8.07
C5 NAG D . -11.59 13.43 6.70
C6 NAG D . -12.15 14.37 5.65
C7 NAG D . -9.04 11.59 10.91
C8 NAG D . -8.88 10.32 11.72
N2 NAG D . -9.54 11.46 9.67
O3 NAG D . -12.16 12.50 10.26
O4 NAG D . -13.64 13.05 7.93
O5 NAG D . -10.18 13.73 6.83
O6 NAG D . -11.11 14.95 4.86
O7 NAG D . -8.69 12.68 11.39
C1 BMA D . -14.76 13.92 8.17
C2 BMA D . -15.88 13.11 7.53
C3 BMA D . -17.30 13.40 8.00
C4 BMA D . -17.44 13.98 9.41
C5 BMA D . -16.18 14.71 9.94
C6 BMA D . -16.21 14.81 11.44
O2 BMA D . -15.62 11.73 7.72
O3 BMA D . -18.01 12.18 7.97
O4 BMA D . -18.61 14.86 9.47
O5 BMA D . -14.99 13.96 9.60
O6 BMA D . -15.35 13.84 12.06
C1 BMA D . -18.81 15.80 8.39
C2 BMA D . -17.88 17.00 8.39
C3 BMA D . -18.42 18.04 7.41
C4 BMA D . -18.59 17.40 6.01
C5 BMA D . -19.40 16.10 6.11
C6 BMA D . -19.37 15.38 4.77
O2 BMA D . -16.59 16.58 7.97
O3 BMA D . -17.48 19.11 7.36
O4 BMA D . -19.23 18.29 5.07
O5 BMA D . -18.82 15.21 7.09
O6 BMA D . -18.33 15.88 3.96
C1 MAN D . -18.28 18.67 4.06
C2 MAN D . -17.27 19.69 4.62
C3 MAN D . -17.00 20.85 3.67
C4 MAN D . -18.31 21.57 3.26
C5 MAN D . -19.48 20.59 3.10
C6 MAN D . -20.40 20.97 1.92
O2 MAN D . -16.04 19.03 4.94
O3 MAN D . -16.29 20.40 2.53
O4 MAN D . -18.71 22.46 4.30
O5 MAN D . -19.06 19.20 2.93
O6 MAN D . -19.81 20.64 0.66
C1 BMA D . -18.28 23.83 4.37
C2 BMA D . -19.23 24.76 3.52
C3 BMA D . -19.50 26.15 4.14
C4 BMA D . -19.74 26.03 5.62
C5 BMA D . -18.51 25.42 6.28
C6 BMA D . -18.67 25.22 7.79
O2 BMA D . -20.46 24.11 3.23
O3 BMA D . -20.63 26.76 3.50
O4 BMA D . -20.01 27.31 6.18
O5 BMA D . -18.25 24.09 5.80
O6 BMA D . -19.19 26.37 8.42
C1 GLC E . 0.07 15.47 -13.74
C2 GLC E . 0.81 14.80 -14.88
C3 GLC E . -0.10 13.71 -15.45
C4 GLC E . -0.58 12.71 -14.36
C5 GLC E . -1.05 13.39 -13.08
C6 GLC E . -0.97 12.35 -11.94
O1 GLC E . -1.07 16.14 -14.28
O2 GLC E . 0.99 15.79 -15.85
O3 GLC E . 0.59 13.05 -16.52
O4 GLC E . -1.80 12.10 -14.80
O5 GLC E . -0.24 14.51 -12.72
O6 GLC E . -1.84 12.70 -10.85
C1 GAL E . -1.90 11.02 -15.77
C2 GAL E . -3.08 11.36 -16.63
C3 GAL E . -3.35 10.15 -17.51
C4 GAL E . -2.16 9.97 -18.43
C5 GAL E . -0.89 9.80 -17.59
C6 GAL E . 0.32 9.70 -18.54
O2 GAL E . -4.19 11.69 -15.84
O3 GAL E . -4.48 10.34 -18.32
O4 GAL E . -2.06 10.96 -19.44
O5 GAL E . -0.77 10.85 -16.65
O6 GAL E . 1.10 8.53 -18.25
FE FE F . 0.69 2.51 -1.59
C CO3 G . 3.00 2.15 -0.43
O1 CO3 G . 2.10 1.25 -0.39
O2 CO3 G . 2.80 3.21 -1.11
O3 CO3 G . 4.06 1.98 0.21
ZN ZN H . -6.19 6.16 -22.90
ZN ZN I . 2.46 18.09 -4.10
S SO4 J . 10.32 20.91 15.81
O1 SO4 J . 8.93 21.15 15.24
O2 SO4 J . 11.07 22.13 15.33
O3 SO4 J . 10.04 20.83 17.30
O4 SO4 J . 11.06 19.63 15.38
#